data_1SA3
#
_entry.id   1SA3
#
_cell.length_a   50.193
_cell.length_b   131.601
_cell.length_c   59.318
_cell.angle_alpha   90.00
_cell.angle_beta   109.69
_cell.angle_gamma   90.00
#
_symmetry.space_group_name_H-M   'P 1 21 1'
#
loop_
_entity.id
_entity.type
_entity.pdbx_description
1 polymer "5'-D(*CP*CP*CP*CP*CP*GP*GP*GP*GP*G)-3'"
2 polymer 'Type II restriction enzyme MspI'
3 non-polymer 'SODIUM ION'
4 water water
#
loop_
_entity_poly.entity_id
_entity_poly.type
_entity_poly.pdbx_seq_one_letter_code
_entity_poly.pdbx_strand_id
1 'polydeoxyribonucleotide' (DC)(DC)(DC)(DC)(DC)(DG)(DG)(DG)(DG)(DG) C,D,E,F
2 'polypeptide(L)'
;MRTELLSKLYDDFGIDQLPHTQHGVTSDRLGKLYEKYILDIFKDIESLKKYNTNAFPQEKDISSKLLKALNLDLDNIIDV
SSSDTDLGRTIAGGSPKTDATIRFTFHNQSSRLVPLNIKHSSKKKVSIAEYDVETICTGVGISDGELKELIRKHQNDQSA
KLFTPVQKQRLTELLEPYRERFIRWCVTLRAEKSEGNILHPDLLIRFQVIDREYVDVTIKNIDDYVSDRIAEGSKARKPG
FGTGLNWTYASGSKAKKMQFKG
;
A,B
#
loop_
_chem_comp.id
_chem_comp.type
_chem_comp.name
_chem_comp.formula
DC DNA linking 2'-DEOXYCYTIDINE-5'-MONOPHOSPHATE 'C9 H14 N3 O7 P'
DG DNA linking 2'-DEOXYGUANOSINE-5'-MONOPHOSPHATE 'C10 H14 N5 O7 P'
NA non-polymer 'SODIUM ION' 'Na 1'
#
# COMPACT_ATOMS: atom_id res chain seq x y z
N MET E 1 -9.05 18.16 -11.25
CA MET E 1 -10.11 19.21 -11.24
C MET E 1 -11.28 18.81 -12.12
N ARG E 2 -12.50 18.91 -11.60
CA ARG E 2 -13.67 18.58 -12.40
C ARG E 2 -13.90 19.75 -13.33
N THR E 3 -13.19 19.73 -14.44
CA THR E 3 -13.29 20.78 -15.44
C THR E 3 -14.68 20.76 -16.02
N GLU E 4 -14.93 21.70 -16.93
CA GLU E 4 -16.21 21.80 -17.59
C GLU E 4 -16.54 20.48 -18.29
N LEU E 5 -15.57 19.93 -19.03
CA LEU E 5 -15.78 18.68 -19.74
C LEU E 5 -15.96 17.50 -18.79
N LEU E 6 -15.07 17.38 -17.80
CA LEU E 6 -15.18 16.25 -16.87
C LEU E 6 -16.45 16.34 -16.05
N SER E 7 -16.85 17.56 -15.69
CA SER E 7 -18.07 17.73 -14.91
C SER E 7 -19.23 17.19 -15.72
N LYS E 8 -19.21 17.46 -17.02
CA LYS E 8 -20.26 16.98 -17.91
C LYS E 8 -20.27 15.46 -17.98
N LEU E 9 -19.10 14.87 -18.15
CA LEU E 9 -19.00 13.42 -18.23
C LEU E 9 -19.41 12.74 -16.93
N TYR E 10 -18.99 13.29 -15.79
CA TYR E 10 -19.38 12.67 -14.52
C TYR E 10 -20.89 12.70 -14.37
N ASP E 11 -21.52 13.74 -14.92
CA ASP E 11 -22.96 13.86 -14.85
C ASP E 11 -23.62 12.86 -15.78
N ASP E 12 -23.13 12.78 -17.03
CA ASP E 12 -23.70 11.85 -18.00
C ASP E 12 -23.60 10.40 -17.51
N PHE E 13 -22.56 10.09 -16.75
CA PHE E 13 -22.37 8.73 -16.25
C PHE E 13 -22.94 8.51 -14.85
N GLY E 14 -23.67 9.50 -14.33
CA GLY E 14 -24.28 9.39 -13.02
C GLY E 14 -23.39 8.95 -11.88
N ILE E 15 -22.12 9.35 -11.92
CA ILE E 15 -21.16 8.96 -10.89
C ILE E 15 -21.62 9.36 -9.50
N ASP E 16 -22.01 10.63 -9.33
CA ASP E 16 -22.44 11.10 -8.02
C ASP E 16 -23.74 10.49 -7.51
N GLN E 17 -24.46 9.75 -8.35
CA GLN E 17 -25.71 9.11 -7.93
C GLN E 17 -25.43 7.68 -7.46
N LEU E 18 -24.20 7.23 -7.65
CA LEU E 18 -23.83 5.88 -7.25
C LEU E 18 -23.39 5.82 -5.79
N PRO E 19 -24.08 5.00 -4.97
CA PRO E 19 -23.75 4.88 -3.55
C PRO E 19 -22.26 4.53 -3.45
N HIS E 20 -21.59 4.98 -2.40
CA HIS E 20 -20.18 4.70 -2.27
C HIS E 20 -19.87 3.22 -2.06
N THR E 21 -20.87 2.44 -1.65
CA THR E 21 -20.69 1.00 -1.43
C THR E 21 -20.77 0.21 -2.74
N GLN E 22 -21.11 0.90 -3.83
CA GLN E 22 -21.20 0.27 -5.14
C GLN E 22 -19.86 0.38 -5.88
N HIS E 23 -18.79 -0.11 -5.25
CA HIS E 23 -17.44 -0.05 -5.83
C HIS E 23 -17.32 -0.66 -7.23
N GLY E 24 -17.90 -1.84 -7.41
CA GLY E 24 -17.83 -2.51 -8.70
C GLY E 24 -18.38 -1.68 -9.85
N VAL E 25 -19.61 -1.18 -9.68
CA VAL E 25 -20.25 -0.38 -10.72
C VAL E 25 -19.48 0.92 -10.93
N THR E 26 -18.98 1.48 -9.83
CA THR E 26 -18.25 2.72 -9.89
C THR E 26 -16.98 2.56 -10.74
N SER E 27 -16.24 1.48 -10.54
CA SER E 27 -15.01 1.23 -11.30
C SER E 27 -15.35 1.10 -12.79
N ASP E 28 -16.37 0.29 -13.09
CA ASP E 28 -16.80 0.08 -14.46
C ASP E 28 -17.22 1.39 -15.14
N ARG E 29 -17.96 2.21 -14.41
CA ARG E 29 -18.43 3.50 -14.92
C ARG E 29 -17.26 4.45 -15.17
N LEU E 30 -16.38 4.55 -14.19
CA LEU E 30 -15.23 5.42 -14.32
C LEU E 30 -14.37 4.98 -15.51
N GLY E 31 -14.25 3.68 -15.72
CA GLY E 31 -13.46 3.19 -16.84
C GLY E 31 -13.99 3.68 -18.18
N LYS E 32 -15.29 3.53 -18.38
CA LYS E 32 -15.92 3.97 -19.62
C LYS E 32 -15.87 5.49 -19.70
N LEU E 33 -16.01 6.15 -18.55
CA LEU E 33 -15.99 7.60 -18.52
C LEU E 33 -14.67 8.17 -18.99
N TYR E 34 -13.56 7.61 -18.52
CA TYR E 34 -12.27 8.14 -18.92
C TYR E 34 -11.89 7.80 -20.36
N GLU E 35 -12.47 6.74 -20.90
CA GLU E 35 -12.22 6.43 -22.30
C GLU E 35 -12.91 7.54 -23.08
N LYS E 36 -14.13 7.86 -22.68
CA LYS E 36 -14.91 8.89 -23.33
C LYS E 36 -14.26 10.26 -23.22
N TYR E 37 -13.56 10.49 -22.11
CA TYR E 37 -12.87 11.76 -21.87
C TYR E 37 -11.84 11.97 -22.98
N ILE E 38 -11.11 10.91 -23.33
CA ILE E 38 -10.11 11.00 -24.40
C ILE E 38 -10.81 11.19 -25.74
N LEU E 39 -11.86 10.42 -25.99
CA LEU E 39 -12.58 10.52 -27.25
C LEU E 39 -13.11 11.93 -27.51
N ASP E 40 -13.63 12.58 -26.46
CA ASP E 40 -14.16 13.93 -26.61
C ASP E 40 -13.07 14.98 -26.82
N ILE E 41 -11.94 14.83 -26.15
CA ILE E 41 -10.85 15.78 -26.30
C ILE E 41 -10.37 15.74 -27.77
N PHE E 42 -10.37 14.55 -28.35
CA PHE E 42 -9.92 14.35 -29.73
C PHE E 42 -11.06 14.01 -30.69
N LYS E 43 -12.25 14.54 -30.42
CA LYS E 43 -13.42 14.26 -31.24
C LYS E 43 -13.31 14.83 -32.65
N ASP E 44 -12.82 16.05 -32.75
CA ASP E 44 -12.64 16.72 -34.04
C ASP E 44 -11.59 17.79 -33.93
N ILE E 45 -11.21 18.37 -35.07
CA ILE E 45 -10.19 19.40 -35.06
C ILE E 45 -10.62 20.60 -34.21
N GLU E 46 -11.90 20.89 -34.18
CA GLU E 46 -12.39 22.01 -33.37
C GLU E 46 -12.11 21.74 -31.88
N SER E 47 -12.46 20.54 -31.42
CA SER E 47 -12.25 20.17 -30.02
C SER E 47 -10.78 20.18 -29.65
N LEU E 48 -9.95 19.57 -30.49
CA LEU E 48 -8.52 19.52 -30.20
C LEU E 48 -7.90 20.91 -30.10
N LYS E 49 -8.21 21.79 -31.04
CA LYS E 49 -7.66 23.15 -30.99
C LYS E 49 -8.17 23.87 -29.74
N LYS E 50 -9.42 23.59 -29.38
CA LYS E 50 -10.03 24.21 -28.20
C LYS E 50 -9.32 23.77 -26.90
N TYR E 51 -9.17 22.47 -26.72
CA TYR E 51 -8.57 21.92 -25.51
C TYR E 51 -7.08 22.07 -25.33
N ASN E 52 -6.34 22.26 -26.42
CA ASN E 52 -4.90 22.42 -26.29
C ASN E 52 -4.56 23.89 -26.11
N THR E 53 -5.30 24.56 -25.22
CA THR E 53 -5.07 25.96 -24.95
C THR E 53 -5.03 26.20 -23.45
N ASN E 54 -4.40 27.29 -23.04
CA ASN E 54 -4.29 27.63 -21.63
C ASN E 54 -5.65 27.91 -21.01
N ALA E 55 -6.71 27.91 -21.83
CA ALA E 55 -8.05 28.14 -21.34
C ALA E 55 -8.58 26.85 -20.68
N PHE E 56 -7.96 25.72 -21.00
CA PHE E 56 -8.34 24.42 -20.42
C PHE E 56 -7.05 23.71 -20.05
N PRO E 57 -6.39 24.18 -18.98
CA PRO E 57 -5.13 23.63 -18.48
C PRO E 57 -5.06 22.12 -18.31
N GLN E 58 -6.16 21.51 -17.88
CA GLN E 58 -6.15 20.06 -17.68
C GLN E 58 -6.23 19.31 -19.00
N GLU E 59 -7.18 19.67 -19.86
CA GLU E 59 -7.27 18.99 -21.14
C GLU E 59 -6.05 19.29 -22.00
N LYS E 60 -5.43 20.44 -21.78
CA LYS E 60 -4.23 20.79 -22.56
C LYS E 60 -3.11 19.84 -22.13
N ASP E 61 -3.00 19.58 -20.83
CA ASP E 61 -1.97 18.67 -20.33
C ASP E 61 -2.18 17.28 -20.91
N ILE E 62 -3.42 16.83 -20.93
CA ILE E 62 -3.77 15.51 -21.46
C ILE E 62 -3.48 15.43 -22.96
N SER E 63 -4.00 16.39 -23.73
CA SER E 63 -3.76 16.38 -25.17
C SER E 63 -2.28 16.55 -25.52
N SER E 64 -1.55 17.41 -24.82
CA SER E 64 -0.12 17.59 -25.08
C SER E 64 0.67 16.31 -24.79
N LYS E 65 0.32 15.62 -23.71
CA LYS E 65 1.01 14.39 -23.38
C LYS E 65 0.76 13.34 -24.47
N LEU E 66 -0.44 13.34 -25.03
CA LEU E 66 -0.74 12.36 -26.08
C LEU E 66 0.05 12.68 -27.35
N LEU E 67 0.07 13.93 -27.76
CA LEU E 67 0.81 14.32 -28.96
C LEU E 67 2.32 14.12 -28.75
N LYS E 68 2.78 14.35 -27.53
CA LYS E 68 4.19 14.19 -27.22
C LYS E 68 4.63 12.73 -27.35
N ALA E 69 3.80 11.81 -26.86
CA ALA E 69 4.13 10.39 -26.93
C ALA E 69 4.20 9.94 -28.39
N LEU E 70 3.57 10.71 -29.28
CA LEU E 70 3.54 10.40 -30.70
C LEU E 70 4.52 11.26 -31.50
N ASN E 71 5.19 12.18 -30.83
CA ASN E 71 6.13 13.08 -31.49
C ASN E 71 5.42 13.82 -32.63
N LEU E 72 4.22 14.32 -32.36
CA LEU E 72 3.43 15.03 -33.35
C LEU E 72 3.22 16.47 -32.90
N ASP E 73 3.32 17.41 -33.84
CA ASP E 73 3.11 18.81 -33.53
C ASP E 73 1.68 19.18 -33.87
N LEU E 74 1.00 19.84 -32.93
CA LEU E 74 -0.38 20.25 -33.14
C LEU E 74 -0.56 21.01 -34.46
N ASP E 75 0.37 21.89 -34.77
CA ASP E 75 0.25 22.69 -36.00
C ASP E 75 0.32 21.88 -37.29
N ASN E 76 0.77 20.64 -37.23
CA ASN E 76 0.86 19.83 -38.44
C ASN E 76 -0.41 19.01 -38.63
N ILE E 77 -1.29 19.03 -37.64
CA ILE E 77 -2.53 18.27 -37.71
C ILE E 77 -3.62 19.07 -38.41
N ILE E 78 -4.15 18.51 -39.50
CA ILE E 78 -5.19 19.17 -40.28
C ILE E 78 -6.58 18.71 -39.88
N ASP E 79 -6.68 17.46 -39.43
CA ASP E 79 -7.96 16.94 -39.01
C ASP E 79 -7.77 15.80 -38.02
N VAL E 80 -8.78 15.56 -37.20
CA VAL E 80 -8.73 14.52 -36.20
C VAL E 80 -10.12 13.96 -35.96
N SER E 81 -10.18 12.68 -35.62
CA SER E 81 -11.42 11.99 -35.31
C SER E 81 -11.04 10.85 -34.37
N SER E 82 -12.01 10.35 -33.61
CA SER E 82 -11.73 9.27 -32.67
C SER E 82 -12.96 8.40 -32.50
N SER E 83 -12.76 7.18 -32.00
CA SER E 83 -13.88 6.29 -31.80
C SER E 83 -13.53 5.09 -30.92
N ASP E 84 -14.56 4.56 -30.27
CA ASP E 84 -14.45 3.39 -29.43
C ASP E 84 -14.08 2.25 -30.40
N THR E 85 -13.34 1.27 -29.91
CA THR E 85 -12.96 0.15 -30.76
C THR E 85 -13.68 -1.11 -30.32
N ASP E 86 -14.43 -1.70 -31.24
CA ASP E 86 -15.14 -2.93 -30.93
C ASP E 86 -15.15 -3.74 -32.22
N LEU E 87 -14.14 -4.58 -32.36
CA LEU E 87 -13.98 -5.39 -33.55
C LEU E 87 -14.77 -6.69 -33.53
N GLY E 88 -15.14 -7.13 -32.33
CA GLY E 88 -15.91 -8.35 -32.20
C GLY E 88 -15.18 -9.58 -32.68
N ARG E 89 -13.87 -9.59 -32.54
CA ARG E 89 -13.07 -10.74 -32.96
C ARG E 89 -11.91 -10.98 -32.02
N THR E 90 -11.29 -12.15 -32.14
CA THR E 90 -10.16 -12.49 -31.31
C THR E 90 -9.00 -12.87 -32.19
N ILE E 91 -7.80 -12.75 -31.64
CA ILE E 91 -6.59 -13.09 -32.38
C ILE E 91 -5.74 -13.95 -31.46
N ALA E 92 -4.53 -14.27 -31.92
CA ALA E 92 -3.62 -15.05 -31.11
C ALA E 92 -3.43 -14.35 -29.78
N GLY E 93 -3.92 -14.96 -28.71
CA GLY E 93 -3.78 -14.35 -27.39
C GLY E 93 -5.08 -13.80 -26.86
N GLY E 94 -6.12 -13.82 -27.68
CA GLY E 94 -7.42 -13.31 -27.24
C GLY E 94 -7.88 -12.04 -27.92
N SER E 95 -8.81 -11.35 -27.29
CA SER E 95 -9.34 -10.10 -27.83
C SER E 95 -8.26 -9.02 -27.87
N PRO E 96 -8.21 -8.26 -28.97
CA PRO E 96 -7.21 -7.19 -29.10
C PRO E 96 -7.27 -6.27 -27.90
N LYS E 97 -6.11 -5.73 -27.53
CA LYS E 97 -5.97 -4.81 -26.40
C LYS E 97 -6.34 -3.36 -26.73
N THR E 98 -6.90 -3.14 -27.91
CA THR E 98 -7.25 -1.79 -28.34
C THR E 98 -8.62 -1.35 -27.83
N ASP E 99 -8.65 -0.31 -27.01
CA ASP E 99 -9.89 0.20 -26.45
C ASP E 99 -10.55 1.26 -27.32
N ALA E 100 -9.73 1.99 -28.08
CA ALA E 100 -10.23 3.06 -28.92
C ALA E 100 -9.13 3.52 -29.86
N THR E 101 -9.50 4.36 -30.82
CA THR E 101 -8.53 4.87 -31.77
C THR E 101 -8.73 6.36 -32.06
N ILE E 102 -7.64 7.01 -32.47
CA ILE E 102 -7.66 8.41 -32.86
C ILE E 102 -6.95 8.40 -34.22
N ARG E 103 -7.51 9.08 -35.21
CA ARG E 103 -6.87 9.17 -36.51
C ARG E 103 -6.53 10.63 -36.78
N PHE E 104 -5.26 10.90 -37.08
CA PHE E 104 -4.83 12.26 -37.39
C PHE E 104 -4.57 12.37 -38.88
N THR E 105 -5.05 13.46 -39.48
CA THR E 105 -4.85 13.68 -40.91
C THR E 105 -3.89 14.85 -41.04
N PHE E 106 -2.88 14.68 -41.88
CA PHE E 106 -1.87 15.71 -42.07
C PHE E 106 -2.07 16.55 -43.34
N HIS E 107 -1.19 17.50 -43.59
CA HIS E 107 -1.32 18.39 -44.75
C HIS E 107 -1.35 17.74 -46.13
N ASN E 108 -0.50 16.73 -46.36
CA ASN E 108 -0.45 16.08 -47.68
C ASN E 108 -1.48 14.99 -47.84
N GLN E 109 -2.50 15.01 -46.98
CA GLN E 109 -3.57 14.02 -47.03
C GLN E 109 -3.18 12.66 -46.44
N SER E 110 -1.97 12.54 -45.90
CA SER E 110 -1.61 11.27 -45.29
C SER E 110 -2.21 11.32 -43.90
N SER E 111 -2.24 10.17 -43.23
CA SER E 111 -2.81 10.12 -41.89
C SER E 111 -2.14 9.05 -41.05
N ARG E 112 -2.40 9.09 -39.74
CA ARG E 112 -1.85 8.11 -38.81
C ARG E 112 -2.96 7.63 -37.90
N LEU E 113 -3.12 6.31 -37.83
CA LEU E 113 -4.13 5.76 -36.94
C LEU E 113 -3.40 5.44 -35.64
N VAL E 114 -4.00 5.79 -34.51
CA VAL E 114 -3.38 5.53 -33.22
C VAL E 114 -4.27 4.70 -32.30
N PRO E 115 -4.09 3.37 -32.30
CA PRO E 115 -4.88 2.50 -31.44
C PRO E 115 -4.44 2.77 -30.00
N LEU E 116 -5.41 2.79 -29.09
CA LEU E 116 -5.12 3.11 -27.70
C LEU E 116 -5.64 2.08 -26.71
N ASN E 117 -4.95 1.99 -25.58
CA ASN E 117 -5.41 1.14 -24.50
C ASN E 117 -5.58 2.16 -23.36
N ILE E 118 -6.75 2.19 -22.75
CA ILE E 118 -7.03 3.17 -21.69
C ILE E 118 -7.52 2.53 -20.41
N LYS E 119 -6.92 2.93 -19.30
CA LYS E 119 -7.31 2.40 -17.98
C LYS E 119 -7.34 3.50 -16.93
N HIS E 120 -7.96 3.18 -15.80
CA HIS E 120 -8.00 4.10 -14.66
C HIS E 120 -7.61 3.25 -13.46
N SER E 121 -6.94 3.87 -12.50
CA SER E 121 -6.50 3.16 -11.31
C SER E 121 -6.11 4.18 -10.24
N SER E 122 -6.13 3.73 -8.99
CA SER E 122 -5.76 4.58 -7.88
C SER E 122 -4.29 4.31 -7.57
N LYS E 123 -3.73 3.31 -8.24
CA LYS E 123 -2.33 2.91 -8.07
C LYS E 123 -1.47 3.16 -9.31
N LYS E 124 -0.16 2.97 -9.16
CA LYS E 124 0.81 3.16 -10.25
C LYS E 124 0.81 1.94 -11.16
N LYS E 125 0.51 0.78 -10.59
CA LYS E 125 0.46 -0.47 -11.33
C LYS E 125 -0.95 -1.05 -11.24
N VAL E 126 -1.44 -1.59 -12.34
CA VAL E 126 -2.76 -2.18 -12.39
C VAL E 126 -2.74 -3.33 -13.39
N SER E 127 -3.68 -4.25 -13.24
CA SER E 127 -3.77 -5.40 -14.12
C SER E 127 -3.76 -5.01 -15.59
N ILE E 128 -2.87 -5.62 -16.37
CA ILE E 128 -2.81 -5.35 -17.80
C ILE E 128 -3.35 -6.52 -18.61
N ALA E 129 -3.31 -7.72 -18.03
CA ALA E 129 -3.83 -8.89 -18.73
C ALA E 129 -3.62 -10.18 -17.96
N GLU E 130 -4.30 -11.23 -18.41
CA GLU E 130 -4.17 -12.54 -17.80
C GLU E 130 -4.02 -13.54 -18.95
N TYR E 131 -3.13 -14.52 -18.77
CA TYR E 131 -2.89 -15.50 -19.82
C TYR E 131 -2.46 -16.84 -19.27
N ASP E 132 -2.63 -17.88 -20.08
CA ASP E 132 -2.15 -19.20 -19.69
C ASP E 132 -0.70 -19.22 -20.15
N VAL E 133 0.14 -19.97 -19.43
CA VAL E 133 1.55 -20.07 -19.78
C VAL E 133 1.82 -20.40 -21.24
N GLU E 134 1.09 -21.35 -21.81
CA GLU E 134 1.32 -21.74 -23.21
C GLU E 134 1.07 -20.58 -24.18
N THR E 135 0.08 -19.76 -23.87
CA THR E 135 -0.27 -18.62 -24.71
C THR E 135 0.88 -17.62 -24.70
N ILE E 136 1.43 -17.36 -23.52
CA ILE E 136 2.54 -16.44 -23.38
C ILE E 136 3.76 -16.93 -24.15
N CYS E 137 4.15 -18.18 -23.89
CA CYS E 137 5.30 -18.76 -24.54
C CYS E 137 5.16 -18.73 -26.06
N THR E 138 3.96 -19.00 -26.54
CA THR E 138 3.70 -18.99 -27.98
C THR E 138 3.87 -17.57 -28.54
N GLY E 139 3.32 -16.59 -27.84
CA GLY E 139 3.45 -15.22 -28.30
C GLY E 139 4.85 -14.65 -28.20
N VAL E 140 5.58 -15.01 -27.15
CA VAL E 140 6.94 -14.51 -26.92
C VAL E 140 8.04 -15.27 -27.65
N GLY E 141 7.78 -16.54 -27.99
CA GLY E 141 8.77 -17.34 -28.69
C GLY E 141 9.54 -18.29 -27.79
N ILE E 142 8.92 -18.69 -26.69
CA ILE E 142 9.55 -19.61 -25.74
C ILE E 142 9.06 -21.03 -26.00
N SER E 143 9.99 -21.96 -26.20
CA SER E 143 9.63 -23.35 -26.47
C SER E 143 9.67 -24.18 -25.19
N ASP E 144 9.36 -25.47 -25.32
CA ASP E 144 9.40 -26.35 -24.16
C ASP E 144 10.78 -26.28 -23.51
N GLY E 145 10.84 -26.45 -22.20
CA GLY E 145 12.12 -26.41 -21.53
C GLY E 145 12.04 -25.89 -20.12
N GLU E 146 13.21 -25.62 -19.53
CA GLU E 146 13.29 -25.12 -18.17
C GLU E 146 12.59 -23.78 -17.98
N LEU E 147 12.73 -22.89 -18.96
CA LEU E 147 12.10 -21.57 -18.87
C LEU E 147 10.58 -21.75 -18.83
N LYS E 148 10.03 -22.47 -19.79
CA LYS E 148 8.59 -22.67 -19.80
C LYS E 148 8.08 -23.30 -18.49
N GLU E 149 8.79 -24.30 -17.98
CA GLU E 149 8.38 -24.95 -16.75
C GLU E 149 8.43 -24.06 -15.51
N LEU E 150 9.41 -23.16 -15.43
CA LEU E 150 9.50 -22.27 -14.27
C LEU E 150 8.32 -21.30 -14.34
N ILE E 151 8.00 -20.85 -15.55
CA ILE E 151 6.85 -19.96 -15.70
C ILE E 151 5.60 -20.75 -15.32
N ARG E 152 5.50 -21.99 -15.78
CA ARG E 152 4.33 -22.82 -15.46
C ARG E 152 4.23 -23.06 -13.96
N LYS E 153 5.37 -23.18 -13.28
CA LYS E 153 5.37 -23.40 -11.84
C LYS E 153 4.73 -22.20 -11.16
N HIS E 154 5.08 -21.02 -11.65
CA HIS E 154 4.54 -19.78 -11.10
C HIS E 154 3.02 -19.78 -11.31
N GLN E 155 2.58 -20.17 -12.50
CA GLN E 155 1.16 -20.22 -12.79
C GLN E 155 0.46 -21.18 -11.85
N ASN E 156 1.01 -22.39 -11.70
CA ASN E 156 0.38 -23.38 -10.83
C ASN E 156 0.36 -23.01 -9.35
N ASP E 157 1.43 -22.38 -8.87
CA ASP E 157 1.51 -22.00 -7.46
C ASP E 157 0.75 -20.70 -7.17
N GLN E 158 0.52 -19.92 -8.22
CA GLN E 158 -0.17 -18.64 -8.14
C GLN E 158 0.70 -17.55 -7.52
N SER E 159 2.00 -17.81 -7.45
CA SER E 159 2.98 -16.86 -6.93
C SER E 159 4.33 -17.55 -7.02
N ALA E 160 5.37 -16.87 -6.55
CA ALA E 160 6.71 -17.43 -6.59
C ALA E 160 7.14 -17.90 -5.20
N LYS E 161 6.18 -17.96 -4.27
CA LYS E 161 6.47 -18.36 -2.89
C LYS E 161 7.11 -19.73 -2.71
N LEU E 162 6.91 -20.65 -3.65
CA LEU E 162 7.50 -21.97 -3.51
C LEU E 162 8.84 -22.13 -4.23
N PHE E 163 9.25 -21.12 -4.97
CA PHE E 163 10.53 -21.13 -5.67
C PHE E 163 11.66 -21.01 -4.64
N THR E 164 12.78 -21.64 -4.92
CA THR E 164 13.93 -21.54 -4.03
C THR E 164 14.65 -20.29 -4.54
N PRO E 165 15.43 -19.62 -3.68
CA PRO E 165 16.14 -18.44 -4.14
C PRO E 165 16.86 -18.70 -5.45
N VAL E 166 17.39 -19.91 -5.59
CA VAL E 166 18.10 -20.31 -6.80
C VAL E 166 17.16 -20.29 -8.01
N GLN E 167 16.02 -20.95 -7.89
CA GLN E 167 15.05 -21.01 -8.99
C GLN E 167 14.60 -19.63 -9.46
N LYS E 168 14.45 -18.71 -8.51
CA LYS E 168 14.03 -17.35 -8.84
C LYS E 168 15.09 -16.67 -9.69
N GLN E 169 16.36 -16.82 -9.29
CA GLN E 169 17.47 -16.23 -10.02
C GLN E 169 17.57 -16.90 -11.38
N ARG E 170 17.29 -18.20 -11.42
CA ARG E 170 17.35 -18.98 -12.65
C ARG E 170 16.29 -18.53 -13.66
N LEU E 171 15.09 -18.24 -13.18
CA LEU E 171 14.02 -17.79 -14.07
C LEU E 171 14.44 -16.45 -14.67
N THR E 172 14.89 -15.55 -13.79
CA THR E 172 15.31 -14.22 -14.20
C THR E 172 16.40 -14.30 -15.27
N GLU E 173 17.32 -15.24 -15.07
CA GLU E 173 18.43 -15.45 -15.98
C GLU E 173 17.98 -15.92 -17.36
N LEU E 174 17.12 -16.94 -17.40
CA LEU E 174 16.64 -17.49 -18.66
C LEU E 174 15.69 -16.56 -19.41
N LEU E 175 15.02 -15.67 -18.69
CA LEU E 175 14.06 -14.77 -19.32
C LEU E 175 14.74 -13.56 -19.94
N GLU E 176 15.89 -13.19 -19.40
CA GLU E 176 16.65 -12.03 -19.85
C GLU E 176 16.63 -11.77 -21.35
N PRO E 177 16.91 -12.79 -22.17
CA PRO E 177 16.89 -12.60 -23.62
C PRO E 177 15.51 -12.23 -24.17
N TYR E 178 14.45 -12.62 -23.47
CA TYR E 178 13.09 -12.35 -23.92
C TYR E 178 12.40 -11.17 -23.24
N ARG E 179 13.09 -10.52 -22.32
CA ARG E 179 12.51 -9.37 -21.60
C ARG E 179 11.64 -8.44 -22.42
N GLU E 180 12.20 -7.84 -23.47
CA GLU E 180 11.45 -6.90 -24.31
C GLU E 180 10.25 -7.51 -25.02
N ARG E 181 10.45 -8.70 -25.60
CA ARG E 181 9.36 -9.37 -26.29
C ARG E 181 8.25 -9.71 -25.29
N PHE E 182 8.66 -10.18 -24.11
CA PHE E 182 7.70 -10.54 -23.06
C PHE E 182 6.82 -9.34 -22.68
N ILE E 183 7.46 -8.20 -22.42
CA ILE E 183 6.71 -7.00 -22.05
C ILE E 183 5.82 -6.50 -23.17
N ARG E 184 6.39 -6.34 -24.35
CA ARG E 184 5.64 -5.85 -25.50
C ARG E 184 4.45 -6.77 -25.82
N TRP E 185 4.66 -8.08 -25.76
CA TRP E 185 3.57 -9.00 -26.06
C TRP E 185 2.47 -8.95 -25.00
N CYS E 186 2.87 -8.85 -23.73
CA CYS E 186 1.89 -8.80 -22.65
C CYS E 186 0.93 -7.61 -22.76
N VAL E 187 1.46 -6.45 -23.14
CA VAL E 187 0.61 -5.26 -23.25
C VAL E 187 0.06 -4.98 -24.65
N THR E 188 0.55 -5.65 -25.69
CA THR E 188 0.03 -5.39 -27.04
C THR E 188 -0.44 -6.61 -27.81
N LEU E 189 -0.05 -7.80 -27.34
CA LEU E 189 -0.37 -9.07 -27.98
C LEU E 189 0.45 -9.32 -29.22
N ARG E 190 1.56 -8.61 -29.34
CA ARG E 190 2.47 -8.81 -30.45
C ARG E 190 3.87 -8.64 -29.87
N ALA E 191 4.74 -9.62 -30.09
CA ALA E 191 6.10 -9.58 -29.55
C ALA E 191 6.98 -8.53 -30.20
N GLU E 192 6.81 -8.32 -31.50
CA GLU E 192 7.60 -7.34 -32.22
C GLU E 192 6.84 -6.04 -32.30
N LYS E 193 7.53 -4.96 -32.65
CA LYS E 193 6.92 -3.64 -32.74
C LYS E 193 5.82 -3.54 -33.78
N SER E 194 4.80 -2.76 -33.45
CA SER E 194 3.66 -2.54 -34.32
C SER E 194 3.34 -1.05 -34.29
N GLU E 195 2.78 -0.53 -35.39
CA GLU E 195 2.42 0.90 -35.43
C GLU E 195 1.25 1.07 -36.38
N GLY E 196 0.22 1.76 -35.91
CA GLY E 196 -0.94 2.01 -36.74
C GLY E 196 -1.81 0.81 -37.05
N ASN E 197 -1.56 -0.31 -36.38
CA ASN E 197 -2.35 -1.52 -36.60
C ASN E 197 -3.44 -1.54 -35.53
N ILE E 198 -4.71 -1.49 -35.94
CA ILE E 198 -5.80 -1.45 -34.98
C ILE E 198 -5.86 -2.63 -33.99
N LEU E 199 -5.24 -3.75 -34.35
CA LEU E 199 -5.23 -4.92 -33.46
C LEU E 199 -4.25 -4.79 -32.29
N HIS E 200 -3.35 -3.82 -32.34
CA HIS E 200 -2.35 -3.63 -31.29
C HIS E 200 -2.22 -2.16 -30.88
N PRO E 201 -2.51 -1.85 -29.60
CA PRO E 201 -2.42 -0.46 -29.11
C PRO E 201 -1.02 0.11 -29.28
N ASP E 202 -0.94 1.40 -29.64
CA ASP E 202 0.33 2.09 -29.82
C ASP E 202 0.68 2.96 -28.62
N LEU E 203 -0.35 3.33 -27.86
CA LEU E 203 -0.17 4.16 -26.68
C LEU E 203 -0.92 3.57 -25.50
N LEU E 204 -0.33 3.66 -24.33
CA LEU E 204 -0.96 3.17 -23.10
C LEU E 204 -1.27 4.42 -22.28
N ILE E 205 -2.56 4.68 -22.10
CA ILE E 205 -3.03 5.84 -21.36
C ILE E 205 -3.48 5.37 -19.98
N ARG E 206 -2.91 5.95 -18.93
CA ARG E 206 -3.25 5.58 -17.57
C ARG E 206 -3.69 6.78 -16.75
N PHE E 207 -4.98 6.83 -16.42
CA PHE E 207 -5.53 7.90 -15.61
C PHE E 207 -5.42 7.50 -14.15
N GLN E 208 -4.83 8.39 -13.34
CA GLN E 208 -4.72 8.12 -11.92
C GLN E 208 -5.98 8.76 -11.33
N VAL E 209 -6.83 7.93 -10.75
CA VAL E 209 -8.08 8.39 -10.17
C VAL E 209 -8.19 7.89 -8.75
N ILE E 210 -8.29 8.84 -7.81
CA ILE E 210 -8.38 8.49 -6.39
C ILE E 210 -9.66 9.07 -5.79
N ASP E 211 -10.38 8.23 -5.04
CA ASP E 211 -11.62 8.62 -4.41
C ASP E 211 -12.57 9.18 -5.46
N ARG E 212 -12.61 8.50 -6.60
CA ARG E 212 -13.46 8.85 -7.73
C ARG E 212 -13.05 10.07 -8.54
N GLU E 213 -12.02 10.79 -8.11
CA GLU E 213 -11.62 12.01 -8.82
C GLU E 213 -10.31 11.95 -9.58
N TYR E 214 -10.22 12.72 -10.66
CA TYR E 214 -9.03 12.81 -11.50
C TYR E 214 -7.83 13.33 -10.70
N VAL E 215 -6.68 12.71 -10.88
CA VAL E 215 -5.48 13.17 -10.21
C VAL E 215 -4.46 13.59 -11.27
N ASP E 216 -4.20 12.71 -12.22
CA ASP E 216 -3.24 13.00 -13.29
C ASP E 216 -3.39 11.92 -14.37
N VAL E 217 -2.59 12.01 -15.41
CA VAL E 217 -2.62 11.01 -16.46
C VAL E 217 -1.19 10.79 -16.95
N THR E 218 -0.92 9.58 -17.40
CA THR E 218 0.40 9.25 -17.93
C THR E 218 0.11 8.58 -19.27
N ILE E 219 0.81 9.00 -20.32
CA ILE E 219 0.61 8.45 -21.66
C ILE E 219 1.96 8.07 -22.23
N LYS E 220 2.14 6.78 -22.48
CA LYS E 220 3.40 6.27 -23.00
C LYS E 220 3.27 5.50 -24.32
N ASN E 221 4.18 5.73 -25.27
CA ASN E 221 4.15 4.92 -26.49
C ASN E 221 4.76 3.57 -26.03
N ILE E 222 4.59 2.52 -26.82
CA ILE E 222 5.09 1.21 -26.42
C ILE E 222 6.60 1.16 -26.17
N ASP E 223 7.39 1.77 -27.05
CA ASP E 223 8.84 1.77 -26.87
C ASP E 223 9.23 2.28 -25.50
N ASP E 224 8.70 3.44 -25.12
CA ASP E 224 9.02 4.04 -23.82
C ASP E 224 8.52 3.21 -22.65
N TYR E 225 7.33 2.64 -22.78
CA TYR E 225 6.80 1.83 -21.70
C TYR E 225 7.75 0.66 -21.45
N VAL E 226 8.16 0.00 -22.54
CA VAL E 226 9.07 -1.14 -22.44
C VAL E 226 10.38 -0.71 -21.77
N SER E 227 10.95 0.39 -22.22
CA SER E 227 12.19 0.89 -21.62
C SER E 227 12.01 1.12 -20.13
N ASP E 228 10.89 1.71 -19.75
CA ASP E 228 10.63 1.97 -18.33
C ASP E 228 10.59 0.67 -17.52
N ARG E 229 9.86 -0.33 -18.03
CA ARG E 229 9.75 -1.61 -17.35
C ARG E 229 11.12 -2.31 -17.28
N ILE E 230 11.88 -2.27 -18.37
CA ILE E 230 13.22 -2.88 -18.43
C ILE E 230 14.12 -2.25 -17.37
N ALA E 231 14.05 -0.92 -17.25
CA ALA E 231 14.86 -0.21 -16.27
C ALA E 231 14.46 -0.66 -14.85
N GLU E 232 13.15 -0.67 -14.61
CA GLU E 232 12.61 -1.08 -13.32
C GLU E 232 13.00 -2.51 -12.99
N GLY E 233 12.96 -3.38 -14.00
CA GLY E 233 13.30 -4.77 -13.80
C GLY E 233 14.80 -5.05 -13.68
N SER E 234 15.62 -4.07 -14.05
CA SER E 234 17.07 -4.23 -13.98
C SER E 234 17.64 -3.94 -12.59
N LYS E 235 16.89 -3.22 -11.76
CA LYS E 235 17.36 -2.89 -10.42
C LYS E 235 17.69 -4.16 -9.62
N ALA E 236 18.35 -3.97 -8.49
CA ALA E 236 18.77 -5.07 -7.62
C ALA E 236 17.71 -6.13 -7.35
N ARG E 237 16.49 -5.70 -7.07
CA ARG E 237 15.41 -6.63 -6.76
C ARG E 237 14.94 -7.44 -7.98
N LYS E 238 15.28 -6.98 -9.17
CA LYS E 238 14.89 -7.67 -10.40
C LYS E 238 13.38 -7.92 -10.43
N PRO E 239 12.58 -6.85 -10.24
CA PRO E 239 11.11 -6.97 -10.24
C PRO E 239 10.60 -7.77 -11.46
N GLY E 240 9.60 -8.60 -11.24
CA GLY E 240 9.04 -9.39 -12.33
C GLY E 240 10.09 -10.22 -13.06
N PHE E 241 11.07 -10.74 -12.33
CA PHE E 241 12.11 -11.55 -12.93
C PHE E 241 12.79 -10.79 -14.07
N GLY E 242 12.98 -9.49 -13.85
CA GLY E 242 13.63 -8.65 -14.83
C GLY E 242 12.72 -7.96 -15.83
N THR E 243 11.45 -8.35 -15.87
CA THR E 243 10.50 -7.75 -16.81
C THR E 243 9.92 -6.43 -16.32
N GLY E 244 9.97 -6.18 -15.01
CA GLY E 244 9.42 -4.94 -14.49
C GLY E 244 7.91 -5.01 -14.33
N LEU E 245 7.33 -6.14 -14.70
CA LEU E 245 5.89 -6.34 -14.56
C LEU E 245 5.71 -7.09 -13.25
N ASN E 246 4.54 -6.98 -12.65
CA ASN E 246 4.27 -7.70 -11.41
C ASN E 246 3.52 -8.97 -11.78
N TRP E 247 4.12 -10.12 -11.48
CA TRP E 247 3.52 -11.42 -11.78
C TRP E 247 2.63 -11.90 -10.64
N THR E 248 1.38 -12.25 -10.95
CA THR E 248 0.49 -12.76 -9.91
C THR E 248 -0.53 -13.69 -10.56
N TYR E 249 -1.68 -13.91 -9.92
CA TYR E 249 -2.63 -14.83 -10.52
C TYR E 249 -4.01 -14.24 -10.82
N ALA E 250 -4.65 -14.81 -11.83
CA ALA E 250 -5.99 -14.41 -12.23
C ALA E 250 -6.93 -15.25 -11.38
N SER E 251 -7.86 -14.60 -10.70
CA SER E 251 -8.80 -15.29 -9.83
C SER E 251 -10.11 -15.63 -10.53
N GLY E 252 -10.27 -15.12 -11.76
CA GLY E 252 -11.49 -15.31 -12.51
C GLY E 252 -11.98 -16.69 -12.90
N SER E 253 -11.07 -17.65 -13.08
CA SER E 253 -11.51 -18.98 -13.52
C SER E 253 -11.04 -20.15 -12.66
N LYS E 254 -11.55 -21.34 -12.99
CA LYS E 254 -11.19 -22.55 -12.27
C LYS E 254 -9.74 -22.95 -12.54
N ALA E 255 -9.29 -22.77 -13.78
CA ALA E 255 -7.93 -23.12 -14.15
C ALA E 255 -6.89 -22.18 -13.58
N LYS E 256 -5.73 -22.71 -13.23
CA LYS E 256 -4.63 -21.90 -12.73
C LYS E 256 -4.29 -21.00 -13.92
N LYS E 257 -4.13 -19.71 -13.67
CA LYS E 257 -3.85 -18.79 -14.77
C LYS E 257 -3.06 -17.58 -14.30
N MET E 258 -2.17 -17.08 -15.14
CA MET E 258 -1.35 -15.94 -14.75
C MET E 258 -1.98 -14.57 -15.02
N GLN E 259 -1.61 -13.60 -14.20
CA GLN E 259 -2.07 -12.23 -14.35
C GLN E 259 -0.84 -11.34 -14.22
N PHE E 260 -0.80 -10.27 -15.00
CA PHE E 260 0.32 -9.34 -14.94
C PHE E 260 -0.18 -7.95 -14.69
N LYS E 261 0.49 -7.24 -13.79
CA LYS E 261 0.15 -5.86 -13.48
C LYS E 261 1.32 -5.03 -14.00
N GLY E 262 1.00 -3.84 -14.49
CA GLY E 262 2.03 -2.97 -15.03
C GLY E 262 1.51 -1.56 -15.19
N MET F 1 -12.41 14.58 13.49
CA MET F 1 -12.92 15.97 13.66
C MET F 1 -12.04 16.77 14.61
N ARG F 2 -11.61 17.96 14.20
CA ARG F 2 -10.80 18.79 15.06
C ARG F 2 -11.70 19.39 16.11
N THR F 3 -11.99 18.59 17.12
CA THR F 3 -12.84 18.99 18.23
C THR F 3 -12.27 20.23 18.91
N GLU F 4 -12.94 20.68 19.96
CA GLU F 4 -12.51 21.84 20.70
C GLU F 4 -11.13 21.59 21.30
N LEU F 5 -10.95 20.40 21.86
CA LEU F 5 -9.68 20.03 22.46
C LEU F 5 -8.59 19.85 21.42
N LEU F 6 -8.85 19.04 20.41
CA LEU F 6 -7.87 18.81 19.35
C LEU F 6 -7.46 20.08 18.64
N SER F 7 -8.42 20.96 18.40
CA SER F 7 -8.15 22.22 17.72
C SER F 7 -7.13 23.00 18.55
N LYS F 8 -7.34 23.01 19.86
CA LYS F 8 -6.44 23.71 20.76
C LYS F 8 -5.04 23.09 20.65
N LEU F 9 -4.97 21.78 20.77
CA LEU F 9 -3.70 21.07 20.69
C LEU F 9 -2.96 21.34 19.38
N TYR F 10 -3.66 21.23 18.25
CA TYR F 10 -3.03 21.47 16.96
C TYR F 10 -2.45 22.88 16.92
N ASP F 11 -3.12 23.79 17.60
CA ASP F 11 -2.68 25.17 17.66
C ASP F 11 -1.45 25.27 18.54
N ASP F 12 -1.53 24.69 19.72
CA ASP F 12 -0.41 24.72 20.66
C ASP F 12 0.88 24.14 20.06
N PHE F 13 0.74 23.14 19.20
CA PHE F 13 1.89 22.51 18.58
C PHE F 13 2.24 23.09 17.21
N GLY F 14 1.59 24.19 16.86
CA GLY F 14 1.84 24.86 15.59
C GLY F 14 1.87 23.96 14.36
N ILE F 15 0.95 23.00 14.31
CA ILE F 15 0.88 22.06 13.20
C ILE F 15 0.66 22.75 11.86
N ASP F 16 -0.36 23.59 11.78
CA ASP F 16 -0.69 24.28 10.53
C ASP F 16 0.39 25.25 10.05
N GLN F 17 1.34 25.58 10.92
CA GLN F 17 2.42 26.49 10.55
C GLN F 17 3.59 25.71 9.95
N LEU F 18 3.51 24.38 10.00
CA LEU F 18 4.57 23.54 9.46
C LEU F 18 4.39 23.25 7.98
N PRO F 19 5.46 23.46 7.20
CA PRO F 19 5.43 23.22 5.76
C PRO F 19 5.02 21.77 5.50
N HIS F 20 4.18 21.56 4.50
CA HIS F 20 3.73 20.21 4.18
C HIS F 20 4.88 19.30 3.79
N THR F 21 5.92 19.87 3.21
CA THR F 21 7.08 19.08 2.78
C THR F 21 7.88 18.55 3.96
N GLN F 22 7.87 19.26 5.08
CA GLN F 22 8.62 18.83 6.27
C GLN F 22 7.91 17.74 7.06
N HIS F 23 7.84 16.57 6.45
CA HIS F 23 7.19 15.40 7.04
C HIS F 23 7.83 14.96 8.36
N GLY F 24 9.16 15.05 8.45
CA GLY F 24 9.85 14.64 9.65
C GLY F 24 9.36 15.33 10.91
N VAL F 25 9.54 16.64 10.97
CA VAL F 25 9.09 17.40 12.14
C VAL F 25 7.61 17.16 12.38
N THR F 26 6.83 17.17 11.30
CA THR F 26 5.39 16.96 11.39
C THR F 26 5.07 15.66 12.12
N SER F 27 5.73 14.57 11.73
CA SER F 27 5.49 13.29 12.39
C SER F 27 5.87 13.38 13.86
N ASP F 28 7.00 14.02 14.15
CA ASP F 28 7.46 14.19 15.53
C ASP F 28 6.48 15.01 16.36
N ARG F 29 5.98 16.11 15.78
CA ARG F 29 5.04 16.97 16.47
C ARG F 29 3.72 16.25 16.73
N LEU F 30 3.24 15.53 15.72
CA LEU F 30 1.98 14.79 15.85
C LEU F 30 2.06 13.73 16.94
N GLY F 31 3.22 13.09 17.03
CA GLY F 31 3.39 12.07 18.06
C GLY F 31 3.20 12.66 19.43
N LYS F 32 3.91 13.75 19.70
CA LYS F 32 3.81 14.42 20.99
C LYS F 32 2.41 15.02 21.18
N LEU F 33 1.81 15.49 20.10
CA LEU F 33 0.48 16.06 20.17
C LEU F 33 -0.53 15.03 20.67
N TYR F 34 -0.54 13.86 20.05
CA TYR F 34 -1.49 12.83 20.46
C TYR F 34 -1.25 12.21 21.83
N GLU F 35 -0.02 12.30 22.34
CA GLU F 35 0.22 11.77 23.68
C GLU F 35 -0.47 12.75 24.62
N LYS F 36 -0.30 14.02 24.31
CA LYS F 36 -0.87 15.11 25.10
C LYS F 36 -2.40 15.09 25.03
N TYR F 37 -2.93 14.61 23.91
CA TYR F 37 -4.38 14.51 23.72
C TYR F 37 -4.92 13.53 24.75
N ILE F 38 -4.20 12.43 24.96
CA ILE F 38 -4.62 11.43 25.95
C ILE F 38 -4.46 11.99 27.36
N LEU F 39 -3.34 12.65 27.62
CA LEU F 39 -3.09 13.23 28.93
C LEU F 39 -4.14 14.24 29.35
N ASP F 40 -4.58 15.07 28.41
CA ASP F 40 -5.58 16.08 28.71
C ASP F 40 -6.97 15.48 28.96
N ILE F 41 -7.30 14.43 28.23
CA ILE F 41 -8.60 13.78 28.42
C ILE F 41 -8.68 13.15 29.81
N PHE F 42 -7.53 12.70 30.32
CA PHE F 42 -7.48 12.06 31.64
C PHE F 42 -6.69 12.85 32.66
N LYS F 43 -6.66 14.17 32.47
CA LYS F 43 -5.93 15.06 33.36
C LYS F 43 -6.48 15.03 34.79
N ASP F 44 -7.80 15.13 34.91
CA ASP F 44 -8.44 15.11 36.22
C ASP F 44 -9.86 14.58 36.10
N ILE F 45 -10.50 14.36 37.24
CA ILE F 45 -11.84 13.83 37.24
C ILE F 45 -12.84 14.75 36.52
N GLU F 46 -12.64 16.06 36.62
CA GLU F 46 -13.55 16.97 35.95
C GLU F 46 -13.48 16.74 34.42
N SER F 47 -12.26 16.68 33.88
CA SER F 47 -12.05 16.47 32.45
C SER F 47 -12.63 15.14 31.99
N LEU F 48 -12.33 14.07 32.71
CA LEU F 48 -12.85 12.75 32.34
C LEU F 48 -14.39 12.73 32.32
N LYS F 49 -15.00 13.32 33.34
CA LYS F 49 -16.47 13.33 33.38
C LYS F 49 -17.02 14.16 32.22
N LYS F 50 -16.35 15.25 31.90
CA LYS F 50 -16.78 16.12 30.82
C LYS F 50 -16.61 15.50 29.43
N TYR F 51 -15.54 14.74 29.24
CA TYR F 51 -15.27 14.12 27.95
C TYR F 51 -15.93 12.77 27.71
N ASN F 52 -16.61 12.24 28.72
CA ASN F 52 -17.29 10.96 28.53
C ASN F 52 -18.79 11.24 28.39
N THR F 53 -19.11 12.38 27.79
CA THR F 53 -20.50 12.77 27.60
C THR F 53 -20.81 12.97 26.12
N ASN F 54 -22.10 12.88 25.79
CA ASN F 54 -22.55 13.05 24.41
C ASN F 54 -22.17 14.40 23.82
N ALA F 55 -21.76 15.32 24.69
CA ALA F 55 -21.38 16.65 24.27
C ALA F 55 -20.01 16.66 23.56
N PHE F 56 -19.22 15.63 23.81
CA PHE F 56 -17.90 15.50 23.19
C PHE F 56 -17.78 14.07 22.68
N PRO F 57 -18.48 13.75 21.58
CA PRO F 57 -18.51 12.44 20.94
C PRO F 57 -17.14 11.79 20.67
N GLN F 58 -16.20 12.58 20.19
CA GLN F 58 -14.87 12.04 19.88
C GLN F 58 -14.12 11.67 21.15
N GLU F 59 -13.93 12.61 22.06
CA GLU F 59 -13.22 12.31 23.29
C GLU F 59 -13.92 11.19 24.06
N LYS F 60 -15.25 11.13 23.97
CA LYS F 60 -16.00 10.09 24.66
C LYS F 60 -15.67 8.73 24.07
N ASP F 61 -15.53 8.68 22.75
CA ASP F 61 -15.19 7.43 22.08
C ASP F 61 -13.83 6.97 22.55
N ILE F 62 -12.89 7.90 22.60
CA ILE F 62 -11.53 7.61 23.03
C ILE F 62 -11.52 7.12 24.47
N SER F 63 -12.12 7.90 25.37
CA SER F 63 -12.18 7.55 26.78
C SER F 63 -12.88 6.22 27.02
N SER F 64 -13.98 6.01 26.31
CA SER F 64 -14.74 4.77 26.47
C SER F 64 -13.93 3.57 26.04
N LYS F 65 -13.19 3.70 24.94
CA LYS F 65 -12.36 2.62 24.45
C LYS F 65 -11.26 2.30 25.44
N LEU F 66 -10.70 3.33 26.07
CA LEU F 66 -9.63 3.13 27.05
C LEU F 66 -10.16 2.40 28.28
N LEU F 67 -11.29 2.83 28.80
CA LEU F 67 -11.88 2.19 29.97
C LEU F 67 -12.29 0.76 29.63
N LYS F 68 -12.76 0.57 28.40
CA LYS F 68 -13.19 -0.75 27.96
C LYS F 68 -12.02 -1.74 27.96
N ALA F 69 -10.88 -1.31 27.42
CA ALA F 69 -9.69 -2.17 27.37
C ALA F 69 -9.23 -2.56 28.77
N LEU F 70 -9.59 -1.75 29.76
CA LEU F 70 -9.21 -2.01 31.15
C LEU F 70 -10.33 -2.67 31.95
N ASN F 71 -11.50 -2.81 31.34
CA ASN F 71 -12.65 -3.39 32.02
C ASN F 71 -13.00 -2.56 33.25
N LEU F 72 -12.99 -1.24 33.09
CA LEU F 72 -13.30 -0.33 34.18
C LEU F 72 -14.60 0.42 33.91
N ASP F 73 -15.35 0.67 34.98
CA ASP F 73 -16.61 1.39 34.87
C ASP F 73 -16.43 2.82 35.37
N LEU F 74 -16.75 3.78 34.51
CA LEU F 74 -16.62 5.19 34.84
C LEU F 74 -17.28 5.50 36.19
N ASP F 75 -18.32 4.75 36.54
CA ASP F 75 -19.05 4.95 37.79
C ASP F 75 -18.24 4.60 39.03
N ASN F 76 -17.21 3.80 38.85
CA ASN F 76 -16.38 3.39 39.97
C ASN F 76 -15.11 4.23 40.08
N ILE F 77 -14.95 5.16 39.15
CA ILE F 77 -13.78 6.02 39.13
C ILE F 77 -14.04 7.27 39.94
N ILE F 78 -13.26 7.45 41.00
CA ILE F 78 -13.43 8.61 41.88
C ILE F 78 -12.50 9.75 41.46
N ASP F 79 -11.27 9.41 41.12
CA ASP F 79 -10.30 10.42 40.72
C ASP F 79 -9.41 9.90 39.61
N VAL F 80 -8.78 10.80 38.86
CA VAL F 80 -7.90 10.40 37.78
C VAL F 80 -6.83 11.47 37.53
N SER F 81 -5.64 11.01 37.19
CA SER F 81 -4.51 11.88 36.91
C SER F 81 -3.67 11.18 35.84
N SER F 82 -2.85 11.94 35.13
CA SER F 82 -2.02 11.35 34.09
C SER F 82 -0.73 12.13 33.93
N SER F 83 0.26 11.52 33.31
CA SER F 83 1.51 12.22 33.08
C SER F 83 2.47 11.50 32.15
N ASP F 84 3.30 12.30 31.50
CA ASP F 84 4.33 11.80 30.60
C ASP F 84 5.23 10.92 31.47
N THR F 85 5.83 9.91 30.87
CA THR F 85 6.72 9.02 31.60
C THR F 85 8.14 9.23 31.12
N ASP F 86 9.05 9.48 32.06
CA ASP F 86 10.45 9.71 31.75
C ASP F 86 11.26 9.24 32.95
N LEU F 87 11.54 7.94 33.00
CA LEU F 87 12.26 7.33 34.11
C LEU F 87 13.78 7.54 34.06
N GLY F 88 14.27 8.01 32.91
CA GLY F 88 15.68 8.27 32.76
C GLY F 88 16.66 7.12 32.85
N ARG F 89 16.26 5.93 32.42
CA ARG F 89 17.17 4.79 32.45
C ARG F 89 16.72 3.66 31.55
N THR F 90 17.67 2.84 31.16
CA THR F 90 17.37 1.70 30.32
C THR F 90 17.32 0.46 31.21
N ILE F 91 16.57 -0.53 30.76
CA ILE F 91 16.45 -1.80 31.49
C ILE F 91 16.90 -2.86 30.49
N ALA F 92 16.68 -4.13 30.83
CA ALA F 92 17.06 -5.22 29.94
C ALA F 92 16.24 -5.06 28.66
N GLY F 93 16.91 -4.71 27.58
CA GLY F 93 16.22 -4.53 26.31
C GLY F 93 16.21 -3.08 25.87
N GLY F 94 16.69 -2.19 26.72
CA GLY F 94 16.71 -0.78 26.37
C GLY F 94 15.74 0.07 27.18
N SER F 95 15.43 1.24 26.67
CA SER F 95 14.50 2.16 27.33
C SER F 95 13.10 1.60 27.40
N PRO F 96 12.44 1.73 28.57
CA PRO F 96 11.08 1.22 28.72
C PRO F 96 10.16 1.74 27.62
N LYS F 97 9.16 0.94 27.29
CA LYS F 97 8.19 1.26 26.24
C LYS F 97 6.99 2.08 26.75
N THR F 98 7.06 2.54 27.99
CA THR F 98 5.97 3.32 28.57
C THR F 98 6.14 4.80 28.22
N ASP F 99 5.20 5.34 27.45
CA ASP F 99 5.25 6.75 27.05
C ASP F 99 4.58 7.65 28.08
N ALA F 100 3.63 7.10 28.82
CA ALA F 100 2.90 7.87 29.81
C ALA F 100 2.08 6.95 30.68
N THR F 101 1.52 7.50 31.75
CA THR F 101 0.70 6.71 32.66
C THR F 101 -0.54 7.49 33.09
N ILE F 102 -1.56 6.72 33.46
CA ILE F 102 -2.81 7.27 33.97
C ILE F 102 -3.02 6.53 35.28
N ARG F 103 -3.46 7.24 36.32
CA ARG F 103 -3.73 6.59 37.59
C ARG F 103 -5.19 6.84 37.96
N PHE F 104 -5.94 5.75 38.11
CA PHE F 104 -7.34 5.84 38.49
C PHE F 104 -7.48 5.53 39.98
N THR F 105 -8.26 6.36 40.68
CA THR F 105 -8.52 6.15 42.10
C THR F 105 -9.96 5.68 42.19
N PHE F 106 -10.18 4.55 42.85
CA PHE F 106 -11.52 4.01 42.92
C PHE F 106 -12.40 4.44 44.08
N HIS F 107 -13.69 4.20 43.90
CA HIS F 107 -14.71 4.52 44.89
C HIS F 107 -14.26 4.08 46.26
N ASN F 108 -13.74 2.86 46.35
CA ASN F 108 -13.27 2.31 47.61
C ASN F 108 -11.89 2.87 47.98
N GLN F 109 -11.45 3.88 47.25
CA GLN F 109 -10.16 4.54 47.50
C GLN F 109 -8.89 3.85 47.00
N SER F 110 -8.97 2.60 46.54
CA SER F 110 -7.75 1.94 46.03
C SER F 110 -7.47 2.55 44.66
N SER F 111 -6.36 2.18 44.02
CA SER F 111 -6.05 2.74 42.71
C SER F 111 -5.32 1.77 41.79
N ARG F 112 -5.32 2.09 40.50
CA ARG F 112 -4.66 1.28 39.49
C ARG F 112 -3.83 2.19 38.59
N LEU F 113 -2.56 1.83 38.42
CA LEU F 113 -1.65 2.59 37.56
C LEU F 113 -1.68 1.94 36.17
N VAL F 114 -1.93 2.75 35.15
CA VAL F 114 -1.98 2.21 33.81
C VAL F 114 -0.91 2.77 32.89
N PRO F 115 0.21 2.05 32.73
CA PRO F 115 1.28 2.51 31.85
C PRO F 115 0.82 2.38 30.39
N LEU F 116 1.11 3.39 29.60
CA LEU F 116 0.68 3.40 28.21
C LEU F 116 1.77 3.57 27.16
N ASN F 117 1.51 3.04 25.98
CA ASN F 117 2.39 3.23 24.82
C ASN F 117 1.42 3.88 23.83
N ILE F 118 1.82 5.03 23.30
CA ILE F 118 0.97 5.78 22.38
C ILE F 118 1.69 6.07 21.07
N LYS F 119 1.03 5.80 19.95
CA LYS F 119 1.62 6.05 18.65
C LYS F 119 0.59 6.62 17.69
N HIS F 120 1.07 7.18 16.58
CA HIS F 120 0.19 7.71 15.55
C HIS F 120 0.69 7.11 14.23
N SER F 121 -0.23 6.80 13.32
CA SER F 121 0.16 6.22 12.05
C SER F 121 -0.95 6.37 11.02
N SER F 122 -0.57 6.39 9.75
CA SER F 122 -1.53 6.49 8.66
C SER F 122 -1.83 5.07 8.21
N LYS F 123 -1.09 4.11 8.77
CA LYS F 123 -1.25 2.70 8.44
C LYS F 123 -1.79 1.90 9.63
N LYS F 124 -2.10 0.64 9.37
CA LYS F 124 -2.60 -0.25 10.42
C LYS F 124 -1.43 -0.81 11.22
N LYS F 125 -0.30 -1.00 10.54
CA LYS F 125 0.92 -1.50 11.18
C LYS F 125 1.99 -0.41 11.16
N VAL F 126 2.77 -0.35 12.22
CA VAL F 126 3.83 0.64 12.33
C VAL F 126 4.95 0.08 13.21
N SER F 127 6.16 0.59 13.01
CA SER F 127 7.31 0.13 13.79
C SER F 127 6.97 0.12 15.28
N ILE F 128 7.30 -0.96 15.96
CA ILE F 128 7.07 -1.03 17.40
C ILE F 128 8.40 -1.07 18.12
N ALA F 129 9.44 -1.52 17.43
CA ALA F 129 10.76 -1.56 18.05
C ALA F 129 11.81 -2.21 17.17
N GLU F 130 13.06 -1.99 17.55
CA GLU F 130 14.20 -2.57 16.86
C GLU F 130 15.14 -3.14 17.92
N TYR F 131 15.63 -4.35 17.68
CA TYR F 131 16.53 -5.02 18.61
C TYR F 131 17.55 -5.87 17.88
N ASP F 132 18.61 -6.22 18.58
CA ASP F 132 19.64 -7.09 18.05
C ASP F 132 19.11 -8.48 18.39
N VAL F 133 19.46 -9.48 17.58
CA VAL F 133 18.99 -10.84 17.80
C VAL F 133 19.24 -11.38 19.21
N GLU F 134 20.44 -11.14 19.75
CA GLU F 134 20.76 -11.63 21.10
C GLU F 134 19.82 -11.05 22.16
N THR F 135 19.48 -9.78 22.01
CA THR F 135 18.60 -9.12 22.94
C THR F 135 17.23 -9.80 22.91
N ILE F 136 16.73 -10.06 21.70
CA ILE F 136 15.44 -10.72 21.53
C ILE F 136 15.46 -12.11 22.17
N CYS F 137 16.41 -12.94 21.76
CA CYS F 137 16.52 -14.29 22.29
C CYS F 137 16.61 -14.26 23.82
N THR F 138 17.40 -13.32 24.34
CA THR F 138 17.55 -13.18 25.79
C THR F 138 16.21 -12.85 26.44
N GLY F 139 15.50 -11.90 25.86
CA GLY F 139 14.20 -11.51 26.42
C GLY F 139 13.12 -12.56 26.29
N VAL F 140 13.11 -13.27 25.16
CA VAL F 140 12.08 -14.29 24.92
C VAL F 140 12.40 -15.65 25.54
N GLY F 141 13.67 -15.89 25.81
CA GLY F 141 14.07 -17.16 26.40
C GLY F 141 14.54 -18.18 25.39
N ILE F 142 15.15 -17.71 24.31
CA ILE F 142 15.65 -18.60 23.26
C ILE F 142 17.16 -18.75 23.43
N SER F 143 17.62 -19.99 23.59
CA SER F 143 19.04 -20.26 23.76
C SER F 143 19.70 -20.49 22.41
N ASP F 144 21.01 -20.67 22.40
CA ASP F 144 21.70 -20.90 21.14
C ASP F 144 21.07 -22.10 20.45
N GLY F 145 21.20 -22.15 19.13
CA GLY F 145 20.62 -23.25 18.40
C GLY F 145 20.12 -22.87 17.02
N GLU F 146 19.37 -23.78 16.42
CA GLU F 146 18.82 -23.57 15.08
C GLU F 146 17.94 -22.33 15.05
N LEU F 147 17.00 -22.25 16.00
CA LEU F 147 16.09 -21.11 16.05
C LEU F 147 16.80 -19.76 16.11
N LYS F 148 17.83 -19.66 16.93
CA LYS F 148 18.56 -18.41 17.04
C LYS F 148 19.30 -18.09 15.75
N GLU F 149 19.83 -19.13 15.11
CA GLU F 149 20.56 -18.91 13.87
C GLU F 149 19.69 -18.46 12.72
N LEU F 150 18.45 -18.95 12.67
CA LEU F 150 17.54 -18.55 11.60
C LEU F 150 17.20 -17.07 11.78
N ILE F 151 16.94 -16.68 13.02
CA ILE F 151 16.62 -15.28 13.30
C ILE F 151 17.82 -14.42 12.94
N ARG F 152 19.02 -14.88 13.30
CA ARG F 152 20.26 -14.16 13.02
C ARG F 152 20.44 -13.98 11.51
N LYS F 153 20.01 -14.99 10.75
CA LYS F 153 20.13 -14.91 9.29
C LYS F 153 19.25 -13.79 8.77
N HIS F 154 18.03 -13.72 9.29
CA HIS F 154 17.08 -12.69 8.88
C HIS F 154 17.68 -11.32 9.20
N GLN F 155 18.34 -11.23 10.36
CA GLN F 155 18.94 -9.96 10.75
C GLN F 155 20.09 -9.58 9.83
N ASN F 156 20.92 -10.55 9.50
CA ASN F 156 22.04 -10.26 8.63
C ASN F 156 21.62 -9.93 7.20
N ASP F 157 20.59 -10.61 6.69
CA ASP F 157 20.13 -10.37 5.32
C ASP F 157 19.16 -9.19 5.24
N GLN F 158 18.72 -8.70 6.41
CA GLN F 158 17.78 -7.59 6.50
C GLN F 158 16.41 -7.88 5.90
N SER F 159 16.13 -9.16 5.71
CA SER F 159 14.86 -9.64 5.17
C SER F 159 14.94 -11.15 5.09
N ALA F 160 13.87 -11.79 4.64
CA ALA F 160 13.85 -13.24 4.51
C ALA F 160 14.03 -13.67 3.06
N LYS F 161 14.39 -12.72 2.20
CA LYS F 161 14.55 -13.02 0.77
C LYS F 161 15.54 -14.13 0.41
N LEU F 162 16.50 -14.40 1.27
CA LEU F 162 17.48 -15.44 0.98
C LEU F 162 17.13 -16.79 1.61
N PHE F 163 16.04 -16.83 2.38
CA PHE F 163 15.59 -18.07 3.00
C PHE F 163 15.02 -18.96 1.91
N THR F 164 15.17 -20.27 2.05
CA THR F 164 14.58 -21.18 1.09
C THR F 164 13.20 -21.40 1.66
N PRO F 165 12.23 -21.81 0.83
CA PRO F 165 10.89 -22.04 1.37
C PRO F 165 10.96 -22.95 2.61
N VAL F 166 11.86 -23.93 2.56
CA VAL F 166 12.05 -24.85 3.68
C VAL F 166 12.50 -24.10 4.93
N GLN F 167 13.55 -23.28 4.80
CA GLN F 167 14.07 -22.51 5.92
C GLN F 167 13.00 -21.64 6.57
N LYS F 168 12.16 -21.03 5.75
CA LYS F 168 11.08 -20.19 6.26
C LYS F 168 10.10 -21.00 7.06
N GLN F 169 9.74 -22.18 6.53
CA GLN F 169 8.80 -23.04 7.21
C GLN F 169 9.40 -23.52 8.51
N ARG F 170 10.70 -23.79 8.48
CA ARG F 170 11.42 -24.27 9.66
C ARG F 170 11.39 -23.24 10.78
N LEU F 171 11.70 -21.98 10.44
CA LEU F 171 11.70 -20.90 11.42
C LEU F 171 10.33 -20.84 12.08
N THR F 172 9.28 -20.79 11.27
CA THR F 172 7.91 -20.73 11.78
C THR F 172 7.65 -21.88 12.74
N GLU F 173 8.06 -23.08 12.34
CA GLU F 173 7.87 -24.27 13.16
C GLU F 173 8.55 -24.15 14.53
N LEU F 174 9.82 -23.77 14.51
CA LEU F 174 10.61 -23.63 15.74
C LEU F 174 10.18 -22.48 16.64
N LEU F 175 9.60 -21.45 16.05
CA LEU F 175 9.18 -20.29 16.84
C LEU F 175 7.81 -20.48 17.49
N GLU F 176 7.02 -21.38 16.92
CA GLU F 176 5.66 -21.64 17.42
C GLU F 176 5.51 -21.65 18.94
N PRO F 177 6.40 -22.34 19.66
CA PRO F 177 6.33 -22.39 21.12
C PRO F 177 6.55 -21.04 21.81
N TYR F 178 7.28 -20.14 21.16
CA TYR F 178 7.57 -18.84 21.74
C TYR F 178 6.69 -17.70 21.23
N ARG F 179 5.78 -17.99 20.31
CA ARG F 179 4.90 -16.98 19.73
C ARG F 179 4.40 -15.90 20.68
N GLU F 180 3.70 -16.29 21.74
CA GLU F 180 3.18 -15.30 22.69
C GLU F 180 4.29 -14.50 23.38
N ARG F 181 5.31 -15.19 23.86
CA ARG F 181 6.41 -14.51 24.53
C ARG F 181 7.10 -13.53 23.58
N PHE F 182 7.34 -13.99 22.35
CA PHE F 182 7.99 -13.16 21.35
C PHE F 182 7.21 -11.85 21.17
N ILE F 183 5.90 -11.96 20.94
CA ILE F 183 5.05 -10.79 20.74
C ILE F 183 5.01 -9.87 21.94
N ARG F 184 4.70 -10.44 23.10
CA ARG F 184 4.59 -9.68 24.34
C ARG F 184 5.89 -8.96 24.68
N TRP F 185 7.02 -9.63 24.51
CA TRP F 185 8.30 -9.01 24.82
C TRP F 185 8.64 -7.89 23.82
N CYS F 186 8.31 -8.09 22.55
CA CYS F 186 8.59 -7.07 21.55
C CYS F 186 7.87 -5.74 21.80
N VAL F 187 6.63 -5.81 22.28
CA VAL F 187 5.89 -4.59 22.53
C VAL F 187 5.89 -4.10 23.98
N THR F 188 6.39 -4.90 24.91
CA THR F 188 6.42 -4.50 26.32
C THR F 188 7.77 -4.65 27.01
N LEU F 189 8.70 -5.38 26.39
CA LEU F 189 10.02 -5.62 26.96
C LEU F 189 10.03 -6.65 28.09
N ARG F 190 8.93 -7.37 28.24
CA ARG F 190 8.82 -8.41 29.25
C ARG F 190 8.07 -9.56 28.60
N ALA F 191 8.68 -10.74 28.62
CA ALA F 191 8.07 -11.90 28.00
C ALA F 191 6.81 -12.36 28.70
N GLU F 192 6.76 -12.19 30.02
CA GLU F 192 5.61 -12.62 30.76
C GLU F 192 4.66 -11.47 31.03
N LYS F 193 3.41 -11.78 31.31
CA LYS F 193 2.38 -10.77 31.57
C LYS F 193 2.75 -9.85 32.72
N SER F 194 2.43 -8.56 32.55
CA SER F 194 2.70 -7.55 33.55
C SER F 194 1.45 -6.67 33.69
N GLU F 195 1.28 -6.06 34.86
CA GLU F 195 0.13 -5.20 35.10
C GLU F 195 0.48 -4.18 36.17
N GLY F 196 0.25 -2.91 35.88
CA GLY F 196 0.54 -1.86 36.84
C GLY F 196 2.00 -1.58 37.07
N ASN F 197 2.87 -2.17 36.25
CA ASN F 197 4.32 -1.95 36.36
C ASN F 197 4.70 -0.84 35.39
N ILE F 198 5.14 0.31 35.92
CA ILE F 198 5.48 1.44 35.06
C ILE F 198 6.54 1.15 33.99
N LEU F 199 7.30 0.08 34.18
CA LEU F 199 8.34 -0.29 33.24
C LEU F 199 7.79 -0.96 31.98
N HIS F 200 6.56 -1.44 32.05
CA HIS F 200 5.93 -2.16 30.94
C HIS F 200 4.53 -1.65 30.64
N PRO F 201 4.30 -1.23 29.39
CA PRO F 201 2.97 -0.74 28.98
C PRO F 201 1.89 -1.78 29.17
N ASP F 202 0.71 -1.34 29.60
CA ASP F 202 -0.43 -2.23 29.80
C ASP F 202 -1.40 -2.08 28.62
N LEU F 203 -1.42 -0.88 28.04
CA LEU F 203 -2.29 -0.60 26.90
C LEU F 203 -1.52 -0.03 25.73
N LEU F 204 -1.88 -0.47 24.53
CA LEU F 204 -1.27 0.03 23.32
C LEU F 204 -2.32 0.89 22.64
N ILE F 205 -2.07 2.19 22.58
CA ILE F 205 -2.98 3.15 21.98
C ILE F 205 -2.45 3.53 20.60
N ARG F 206 -3.28 3.39 19.58
CA ARG F 206 -2.89 3.68 18.20
C ARG F 206 -3.85 4.65 17.53
N PHE F 207 -3.38 5.88 17.28
CA PHE F 207 -4.22 6.86 16.61
C PHE F 207 -4.00 6.75 15.12
N GLN F 208 -5.09 6.61 14.37
CA GLN F 208 -4.97 6.56 12.93
C GLN F 208 -5.09 8.02 12.49
N VAL F 209 -4.04 8.53 11.87
CA VAL F 209 -3.98 9.91 11.44
C VAL F 209 -3.61 9.96 9.97
N ILE F 210 -4.45 10.59 9.16
CA ILE F 210 -4.18 10.67 7.73
C ILE F 210 -4.18 12.12 7.26
N ASP F 211 -3.14 12.48 6.52
CA ASP F 211 -2.98 13.84 6.02
C ASP F 211 -3.05 14.85 7.16
N ARG F 212 -2.38 14.50 8.25
CA ARG F 212 -2.30 15.32 9.45
C ARG F 212 -3.55 15.34 10.33
N GLU F 213 -4.61 14.69 9.89
CA GLU F 213 -5.84 14.72 10.67
C GLU F 213 -6.27 13.41 11.32
N TYR F 214 -6.92 13.54 12.48
CA TYR F 214 -7.43 12.40 13.24
C TYR F 214 -8.46 11.64 12.42
N VAL F 215 -8.37 10.32 12.44
CA VAL F 215 -9.33 9.49 11.73
C VAL F 215 -10.08 8.64 12.75
N ASP F 216 -9.32 7.95 13.60
CA ASP F 216 -9.90 7.08 14.61
C ASP F 216 -8.80 6.66 15.58
N VAL F 217 -9.18 5.90 16.59
CA VAL F 217 -8.21 5.41 17.55
C VAL F 217 -8.54 3.98 17.91
N THR F 218 -7.51 3.22 18.24
CA THR F 218 -7.67 1.83 18.62
C THR F 218 -6.87 1.64 19.91
N ILE F 219 -7.49 1.05 20.92
CA ILE F 219 -6.82 0.83 22.21
C ILE F 219 -6.96 -0.64 22.62
N LYS F 220 -5.83 -1.31 22.79
CA LYS F 220 -5.84 -2.72 23.15
C LYS F 220 -4.98 -2.99 24.38
N ASN F 221 -5.45 -3.88 25.26
CA ASN F 221 -4.65 -4.25 26.41
C ASN F 221 -3.72 -5.30 25.81
N ILE F 222 -2.62 -5.61 26.49
CA ILE F 222 -1.67 -6.56 25.93
C ILE F 222 -2.23 -7.94 25.60
N ASP F 223 -3.10 -8.48 26.46
CA ASP F 223 -3.64 -9.80 26.16
C ASP F 223 -4.36 -9.84 24.81
N ASP F 224 -5.19 -8.83 24.55
CA ASP F 224 -5.92 -8.78 23.29
C ASP F 224 -5.00 -8.53 22.08
N TYR F 225 -4.02 -7.66 22.27
CA TYR F 225 -3.08 -7.39 21.18
C TYR F 225 -2.38 -8.68 20.78
N VAL F 226 -1.93 -9.43 21.76
CA VAL F 226 -1.25 -10.71 21.53
C VAL F 226 -2.20 -11.65 20.79
N SER F 227 -3.42 -11.77 21.29
CA SER F 227 -4.41 -12.62 20.66
C SER F 227 -4.59 -12.23 19.19
N ASP F 228 -4.71 -10.92 18.94
CA ASP F 228 -4.88 -10.44 17.57
C ASP F 228 -3.71 -10.82 16.67
N ARG F 229 -2.49 -10.67 17.17
CA ARG F 229 -1.30 -11.00 16.40
C ARG F 229 -1.20 -12.51 16.16
N ILE F 230 -1.61 -13.30 17.16
CA ILE F 230 -1.56 -14.75 17.04
C ILE F 230 -2.52 -15.23 15.95
N ALA F 231 -3.74 -14.70 15.97
CA ALA F 231 -4.76 -15.06 14.98
C ALA F 231 -4.28 -14.69 13.59
N GLU F 232 -3.71 -13.50 13.47
CA GLU F 232 -3.19 -13.02 12.19
C GLU F 232 -2.07 -13.93 11.71
N GLY F 233 -1.19 -14.31 12.63
CA GLY F 233 -0.07 -15.16 12.29
C GLY F 233 -0.36 -16.63 12.05
N SER F 234 -1.56 -17.07 12.44
CA SER F 234 -1.95 -18.46 12.25
C SER F 234 -2.48 -18.72 10.85
N LYS F 235 -2.83 -17.65 10.14
CA LYS F 235 -3.35 -17.75 8.78
C LYS F 235 -2.41 -18.45 7.84
N ALA F 236 -2.97 -18.94 6.73
CA ALA F 236 -2.20 -19.66 5.71
C ALA F 236 -0.82 -19.06 5.42
N ARG F 237 -0.76 -17.73 5.34
CA ARG F 237 0.50 -17.07 5.03
C ARG F 237 1.50 -17.10 6.19
N LYS F 238 1.01 -17.30 7.40
CA LYS F 238 1.86 -17.34 8.58
C LYS F 238 2.69 -16.07 8.68
N PRO F 239 2.01 -14.90 8.67
CA PRO F 239 2.67 -13.60 8.77
C PRO F 239 3.70 -13.56 9.90
N GLY F 240 4.88 -13.02 9.60
CA GLY F 240 5.92 -12.93 10.61
C GLY F 240 6.25 -14.24 11.29
N PHE F 241 6.29 -15.31 10.48
CA PHE F 241 6.60 -16.64 10.96
C PHE F 241 5.70 -17.06 12.12
N GLY F 242 4.43 -16.70 12.00
CA GLY F 242 3.45 -17.05 13.01
C GLY F 242 3.25 -16.03 14.12
N THR F 243 4.10 -15.02 14.20
CA THR F 243 3.99 -14.01 15.25
C THR F 243 3.02 -12.88 14.91
N GLY F 244 2.63 -12.78 13.65
CA GLY F 244 1.71 -11.73 13.26
C GLY F 244 2.37 -10.37 13.17
N LEU F 245 3.67 -10.33 13.49
CA LEU F 245 4.41 -9.07 13.41
C LEU F 245 5.11 -9.06 12.06
N ASN F 246 5.45 -7.87 11.58
CA ASN F 246 6.15 -7.74 10.31
C ASN F 246 7.63 -7.58 10.61
N TRP F 247 8.42 -8.56 10.20
CA TRP F 247 9.86 -8.56 10.43
C TRP F 247 10.59 -7.83 9.32
N THR F 248 11.39 -6.83 9.66
CA THR F 248 12.15 -6.09 8.67
C THR F 248 13.45 -5.60 9.31
N TYR F 249 14.05 -4.55 8.76
CA TYR F 249 15.31 -4.09 9.36
C TYR F 249 15.34 -2.64 9.78
N ALA F 250 16.18 -2.38 10.78
CA ALA F 250 16.35 -1.03 11.31
C ALA F 250 17.46 -0.36 10.51
N SER F 251 17.13 0.75 9.85
CA SER F 251 18.09 1.47 9.03
C SER F 251 18.92 2.46 9.84
N GLY F 252 18.61 2.58 11.12
CA GLY F 252 19.29 3.53 11.97
C GLY F 252 20.79 3.45 12.24
N SER F 253 21.35 2.24 12.29
CA SER F 253 22.77 2.11 12.58
C SER F 253 23.57 1.32 11.55
N LYS F 254 24.88 1.28 11.77
CA LYS F 254 25.80 0.56 10.90
C LYS F 254 25.60 -0.93 11.05
N ALA F 255 25.40 -1.38 12.28
CA ALA F 255 25.19 -2.80 12.54
C ALA F 255 23.87 -3.31 11.98
N LYS F 256 23.86 -4.57 11.58
CA LYS F 256 22.64 -5.19 11.07
C LYS F 256 21.79 -5.28 12.33
N LYS F 257 20.52 -4.89 12.22
CA LYS F 257 19.66 -4.92 13.38
C LYS F 257 18.23 -5.16 12.89
N MET F 258 17.45 -5.89 13.66
CA MET F 258 16.07 -6.17 13.28
C MET F 258 15.07 -5.11 13.73
N GLN F 259 13.99 -4.97 12.98
CA GLN F 259 12.92 -4.03 13.32
C GLN F 259 11.62 -4.79 13.15
N PHE F 260 10.66 -4.51 14.01
CA PHE F 260 9.37 -5.17 13.95
C PHE F 260 8.25 -4.14 13.89
N LYS F 261 7.27 -4.39 13.02
CA LYS F 261 6.13 -3.50 12.92
C LYS F 261 4.92 -4.29 13.39
N GLY F 262 3.97 -3.61 14.02
CA GLY F 262 2.78 -4.27 14.53
C GLY F 262 1.67 -3.29 14.85
NA NA G . -13.60 0.79 -25.45
NA NA H . 6.11 10.30 26.52
#